data_7FP8
#
_entry.id   7FP8
#
_cell.length_a   90.074
_cell.length_b   81.838
_cell.length_c   93.418
_cell.angle_alpha   90
_cell.angle_beta   108.47
_cell.angle_gamma   90
#
_symmetry.space_group_name_H-M   'C 1 2 1'
#
loop_
_entity.id
_entity.type
_entity.pdbx_description
1 polymer 'Pre-mRNA-splicing factor 8'
2 polymer 'A1 cistron-splicing factor AAR2'
3 non-polymer N~3~-[(2-bromophenyl)methyl]-N~3~-methyl-beta-alaninamide
4 water water
#
loop_
_entity_poly.entity_id
_entity_poly.type
_entity_poly.pdbx_seq_one_letter_code
_entity_poly.pdbx_strand_id
1 'polypeptide(L)'
;GAMNSSNYAELFNNDIKLFVDDTNVYRVTVHKTFEGNVATKAINGCIFTLNPKTGHLFLKIIHTSVWAGQKRLSQLAKWK
TAEEVSALVRSLPKEEQPKQIIVTRKAMLDPLEVHMLDFPNIAIRPTELRLPFSAAMSIDKLSDVVMKATEPQMVLFNIY
DDWLDRISSYTAFSRLTLLLRALKTNEESAKMILLSDPTITIKSYHLWPSFTDEQWITIESQMRDLILTEYGRKYNVNIS
ALTQTEIKDIILGQNIKA
;
A
2 'polypeptide(L)'
;GAMAMNTVPFTSAPIEVTIGIDQYSFNVKENQPFHGIKDIPIGHVHVIHFQHADNSSMRYGYWFDCRMGNFYIQYDPKDG
LYKMMEERDGAKFENIVHNFKERQMMVSYPKIDEDDTWYNLTEFVQMDKIRKIVRKDENQFSYVDSSMTTVQENELSSSS
SDPAHSLNYTVINFKSREAIRPGHEMEDFLDKSYYLNTVMLQGIFKNSSNYFGELQFAFLNAMFFGNYGSSLQWHAMIEL
ICSSATVPKHMLDKLDEILYYQIKTLPEQYSDILLNERVWNICLYSSFQKNSLHNTEKIMENKYPELL
;
B
#
loop_
_chem_comp.id
_chem_comp.type
_chem_comp.name
_chem_comp.formula
W6W non-polymer N~3~-[(2-bromophenyl)methyl]-N~3~-methyl-beta-alaninamide 'C11 H15 Br N2 O'
#
# COMPACT_ATOMS: atom_id res chain seq x y z
N GLY A 1 -0.52 1.26 16.24
CA GLY A 1 0.43 2.13 15.55
C GLY A 1 1.83 2.13 16.14
N ALA A 2 2.46 3.30 16.21
CA ALA A 2 3.86 3.38 16.61
C ALA A 2 3.99 3.41 18.12
N MET A 3 4.92 2.61 18.63
CA MET A 3 5.26 2.60 20.05
C MET A 3 6.14 3.81 20.36
N ASN A 4 5.86 4.49 21.47
CA ASN A 4 6.61 5.72 21.76
C ASN A 4 6.64 5.96 23.27
N SER A 5 7.00 7.18 23.68
CA SER A 5 7.15 7.51 25.10
C SER A 5 5.83 7.40 25.85
N SER A 6 4.72 7.69 25.17
CA SER A 6 3.43 7.77 25.85
C SER A 6 2.85 6.41 26.18
N ASN A 7 3.18 5.38 25.38
CA ASN A 7 2.66 4.04 25.62
C ASN A 7 3.79 3.07 25.93
N TYR A 8 4.70 3.48 26.81
CA TYR A 8 5.91 2.72 27.09
C TYR A 8 5.65 1.50 27.97
N ALA A 9 4.74 1.63 28.94
CA ALA A 9 4.48 0.52 29.83
C ALA A 9 3.77 -0.66 29.16
N GLU A 10 3.20 -0.47 27.98
CA GLU A 10 2.63 -1.59 27.24
C GLU A 10 3.66 -2.70 26.99
N LEU A 11 4.95 -2.37 26.95
CA LEU A 11 5.98 -3.39 26.76
C LEU A 11 5.97 -4.44 27.85
N PHE A 12 5.48 -4.09 29.03
CA PHE A 12 5.62 -4.93 30.22
C PHE A 12 4.28 -5.50 30.69
N ASN A 13 3.24 -5.42 29.86
CA ASN A 13 1.99 -6.09 30.22
C ASN A 13 2.08 -7.56 29.83
N ASN A 14 0.98 -8.28 30.02
CA ASN A 14 1.00 -9.74 29.84
C ASN A 14 0.59 -10.19 28.43
N ASP A 15 0.55 -9.27 27.45
CA ASP A 15 0.36 -9.62 26.06
C ASP A 15 1.75 -9.93 25.46
N ILE A 16 1.94 -11.14 24.96
CA ILE A 16 3.26 -11.52 24.45
C ILE A 16 3.62 -10.60 23.30
N LYS A 17 4.85 -10.09 23.33
CA LYS A 17 5.37 -9.31 22.22
C LYS A 17 6.86 -9.51 22.07
N LEU A 18 7.34 -9.25 20.87
CA LEU A 18 8.76 -9.31 20.57
C LEU A 18 9.19 -8.04 19.85
N PHE A 19 10.35 -7.54 20.24
CA PHE A 19 11.09 -6.61 19.40
C PHE A 19 11.94 -7.39 18.41
N VAL A 20 12.08 -6.84 17.21
CA VAL A 20 12.96 -7.39 16.18
C VAL A 20 13.88 -6.27 15.71
N ASP A 21 15.18 -6.46 15.83
CA ASP A 21 16.16 -5.53 15.33
C ASP A 21 17.01 -6.21 14.28
N ASP A 22 17.09 -5.61 13.11
CA ASP A 22 17.82 -6.16 11.98
C ASP A 22 19.17 -5.49 11.71
N THR A 23 19.64 -4.62 12.61
N THR A 23 19.69 -4.65 12.64
CA THR A 23 20.82 -3.84 12.27
CA THR A 23 20.84 -3.81 12.28
C THR A 23 22.00 -4.74 11.92
C THR A 23 22.15 -4.60 12.18
N ASN A 24 22.20 -5.81 12.71
CA ASN A 24 23.39 -6.65 12.63
C ASN A 24 23.21 -7.87 11.72
N VAL A 25 22.18 -7.87 10.86
CA VAL A 25 21.92 -9.03 10.00
C VAL A 25 22.95 -9.11 8.87
N TYR A 26 23.14 -8.00 8.13
CA TYR A 26 24.11 -7.94 7.04
C TYR A 26 25.26 -7.05 7.48
N ARG A 27 26.41 -7.66 7.69
CA ARG A 27 27.60 -6.96 8.18
C ARG A 27 28.73 -7.19 7.21
N VAL A 28 29.52 -6.13 6.94
CA VAL A 28 30.63 -6.23 6.01
C VAL A 28 31.86 -5.51 6.56
N THR A 29 33.03 -5.93 6.07
CA THR A 29 34.26 -5.16 6.10
C THR A 29 34.51 -4.62 4.71
N VAL A 30 34.92 -3.35 4.63
CA VAL A 30 35.24 -2.70 3.37
C VAL A 30 36.75 -2.64 3.24
N HIS A 31 37.29 -3.03 2.08
CA HIS A 31 38.74 -3.07 1.92
C HIS A 31 39.11 -2.74 0.48
N LYS A 32 40.41 -2.49 0.27
CA LYS A 32 40.95 -2.21 -1.06
C LYS A 32 41.35 -3.48 -1.79
N THR A 33 41.06 -3.52 -3.08
CA THR A 33 41.47 -4.63 -3.95
C THR A 33 42.86 -4.35 -4.53
N PHE A 34 43.52 -5.41 -5.01
CA PHE A 34 44.87 -5.27 -5.55
C PHE A 34 44.92 -4.17 -6.59
N GLU A 35 43.87 -4.04 -7.41
CA GLU A 35 43.80 -2.99 -8.40
C GLU A 35 43.49 -1.63 -7.81
N GLY A 36 43.30 -1.52 -6.48
CA GLY A 36 42.96 -0.25 -5.88
C GLY A 36 41.50 0.13 -5.97
N ASN A 37 40.61 -0.82 -6.27
CA ASN A 37 39.19 -0.57 -6.14
C ASN A 37 38.78 -0.94 -4.72
N VAL A 38 37.50 -0.84 -4.42
CA VAL A 38 36.97 -1.17 -3.10
C VAL A 38 36.01 -2.35 -3.26
N ALA A 39 36.06 -3.27 -2.32
CA ALA A 39 35.18 -4.41 -2.30
C ALA A 39 34.70 -4.58 -0.87
N THR A 40 33.64 -5.37 -0.71
CA THR A 40 33.16 -5.75 0.62
C THR A 40 33.44 -7.23 0.84
N LYS A 41 33.69 -7.59 2.10
CA LYS A 41 33.67 -8.98 2.55
C LYS A 41 32.64 -9.10 3.67
N ALA A 42 31.61 -9.92 3.46
CA ALA A 42 30.61 -10.09 4.51
C ALA A 42 31.16 -10.90 5.66
N ILE A 43 30.65 -10.64 6.86
CA ILE A 43 30.94 -11.44 8.03
C ILE A 43 29.62 -11.85 8.66
N ASN A 44 29.69 -12.81 9.56
CA ASN A 44 28.45 -13.37 10.09
C ASN A 44 27.68 -12.27 10.81
N GLY A 45 26.36 -12.40 10.75
CA GLY A 45 25.48 -11.50 11.46
C GLY A 45 24.45 -12.19 12.33
N CYS A 46 23.43 -11.45 12.76
CA CYS A 46 22.44 -12.01 13.65
C CYS A 46 21.19 -11.13 13.64
N ILE A 47 20.06 -11.80 13.78
CA ILE A 47 18.78 -11.17 14.08
C ILE A 47 18.62 -11.12 15.59
N PHE A 48 18.16 -9.95 16.12
CA PHE A 48 18.03 -9.72 17.54
C PHE A 48 16.53 -9.65 17.82
N THR A 49 15.98 -10.72 18.36
CA THR A 49 14.54 -10.86 18.61
C THR A 49 14.34 -11.06 20.10
N LEU A 50 13.65 -10.12 20.75
CA LEU A 50 13.68 -10.04 22.19
C LEU A 50 12.28 -9.90 22.77
N ASN A 51 11.96 -10.72 23.76
CA ASN A 51 10.73 -10.53 24.55
C ASN A 51 11.09 -9.62 25.70
N PRO A 52 10.60 -8.36 25.74
CA PRO A 52 11.05 -7.43 26.78
C PRO A 52 10.51 -7.71 28.16
N LYS A 53 9.43 -8.48 28.27
CA LYS A 53 8.85 -8.89 29.56
C LYS A 53 9.68 -9.98 30.24
N THR A 54 10.13 -10.97 29.47
CA THR A 54 10.78 -12.13 30.06
C THR A 54 12.30 -12.09 29.90
N GLY A 55 12.81 -11.29 28.98
CA GLY A 55 14.22 -11.28 28.69
C GLY A 55 14.64 -12.33 27.70
N HIS A 56 13.68 -13.04 27.11
CA HIS A 56 13.96 -14.11 26.14
C HIS A 56 14.53 -13.55 24.82
N LEU A 57 15.84 -13.70 24.58
CA LEU A 57 16.51 -13.26 23.33
C LEU A 57 16.70 -14.48 22.40
N PHE A 58 15.97 -14.57 21.30
CA PHE A 58 16.11 -15.63 20.31
C PHE A 58 17.09 -15.08 19.26
N LEU A 59 18.37 -15.41 19.34
CA LEU A 59 19.44 -14.90 18.47
C LEU A 59 19.60 -15.84 17.27
N LYS A 60 19.08 -15.43 16.12
CA LYS A 60 19.28 -16.20 14.89
C LYS A 60 20.57 -15.73 14.23
N ILE A 61 21.54 -16.63 14.16
CA ILE A 61 22.81 -16.32 13.53
C ILE A 61 22.70 -16.46 12.01
N ILE A 62 23.14 -15.42 11.32
CA ILE A 62 23.07 -15.32 9.87
C ILE A 62 24.47 -15.62 9.37
N HIS A 63 24.65 -16.78 8.76
CA HIS A 63 25.96 -17.16 8.27
C HIS A 63 26.21 -16.53 6.89
N THR A 64 27.47 -16.19 6.59
CA THR A 64 27.76 -15.47 5.34
C THR A 64 27.34 -16.23 4.08
N SER A 65 27.16 -17.54 4.19
CA SER A 65 26.77 -18.35 3.04
C SER A 65 25.39 -17.99 2.54
N VAL A 66 24.53 -17.38 3.37
N VAL A 66 24.55 -17.40 3.40
CA VAL A 66 23.20 -17.02 2.88
CA VAL A 66 23.23 -16.91 3.01
C VAL A 66 23.27 -15.86 1.88
C VAL A 66 23.34 -15.97 1.83
N TRP A 67 24.39 -15.15 1.80
CA TRP A 67 24.51 -14.09 0.81
C TRP A 67 25.12 -14.54 -0.51
N ALA A 68 25.60 -15.76 -0.58
CA ALA A 68 26.36 -16.19 -1.76
C ALA A 68 25.51 -16.12 -3.02
N GLY A 69 26.03 -15.42 -4.04
CA GLY A 69 25.36 -15.34 -5.32
C GLY A 69 24.12 -14.47 -5.35
N GLN A 70 23.87 -13.73 -4.28
CA GLN A 70 22.71 -12.87 -4.15
C GLN A 70 23.08 -11.43 -4.47
N LYS A 71 22.11 -10.71 -5.04
CA LYS A 71 22.21 -9.29 -5.38
C LYS A 71 21.42 -8.48 -4.36
N ARG A 72 21.76 -7.18 -4.29
CA ARG A 72 21.06 -6.19 -3.46
C ARG A 72 20.92 -6.68 -2.03
N LEU A 73 22.06 -6.88 -1.36
CA LEU A 73 22.05 -7.60 -0.09
C LEU A 73 21.39 -6.79 1.03
N SER A 74 21.52 -5.47 1.03
CA SER A 74 20.85 -4.69 2.05
C SER A 74 19.34 -4.87 1.99
N GLN A 75 18.79 -4.99 0.78
CA GLN A 75 17.35 -5.25 0.64
C GLN A 75 17.00 -6.70 0.98
N LEU A 76 17.82 -7.64 0.53
CA LEU A 76 17.57 -9.04 0.87
C LEU A 76 17.58 -9.25 2.37
N ALA A 77 18.48 -8.58 3.07
CA ALA A 77 18.63 -8.77 4.51
C ALA A 77 17.33 -8.50 5.26
N LYS A 78 16.56 -7.51 4.79
CA LYS A 78 15.28 -7.21 5.46
C LYS A 78 14.29 -8.34 5.26
N TRP A 79 14.25 -8.90 4.05
CA TRP A 79 13.36 -10.03 3.74
C TRP A 79 13.81 -11.33 4.39
N LYS A 80 15.12 -11.57 4.45
CA LYS A 80 15.65 -12.71 5.21
C LYS A 80 15.30 -12.60 6.70
N THR A 81 15.43 -11.40 7.29
CA THR A 81 15.00 -11.17 8.67
C THR A 81 13.53 -11.56 8.84
N ALA A 82 12.68 -11.04 7.95
CA ALA A 82 11.25 -11.30 8.05
C ALA A 82 10.97 -12.80 7.89
N GLU A 83 11.68 -13.46 6.96
CA GLU A 83 11.53 -14.89 6.77
C GLU A 83 11.85 -15.68 8.04
N GLU A 84 12.96 -15.35 8.70
CA GLU A 84 13.35 -16.04 9.93
C GLU A 84 12.41 -15.75 11.10
N VAL A 85 11.93 -14.51 11.26
CA VAL A 85 10.96 -14.20 12.29
C VAL A 85 9.67 -14.98 12.07
N SER A 86 9.20 -15.06 10.82
N SER A 86 9.20 -15.03 10.81
CA SER A 86 7.97 -15.81 10.57
CA SER A 86 8.02 -15.80 10.47
C SER A 86 8.18 -17.30 10.83
C SER A 86 8.20 -17.26 10.85
N ALA A 87 9.36 -17.82 10.49
CA ALA A 87 9.66 -19.23 10.82
C ALA A 87 9.65 -19.45 12.32
N LEU A 88 10.21 -18.50 13.08
CA LEU A 88 10.22 -18.62 14.53
C LEU A 88 8.81 -18.65 15.09
N VAL A 89 7.98 -17.73 14.65
CA VAL A 89 6.60 -17.71 15.16
C VAL A 89 5.91 -19.04 14.85
N ARG A 90 6.03 -19.53 13.64
CA ARG A 90 5.34 -20.77 13.26
C ARG A 90 5.84 -21.97 14.06
N SER A 91 7.10 -21.91 14.48
CA SER A 91 7.67 -22.97 15.31
C SER A 91 7.16 -22.95 16.74
N LEU A 92 6.53 -21.82 17.20
CA LEU A 92 6.08 -21.76 18.58
C LEU A 92 4.66 -22.28 18.71
N PRO A 93 4.34 -22.94 19.82
CA PRO A 93 2.93 -23.23 20.12
C PRO A 93 2.08 -21.97 20.05
N LYS A 94 0.82 -22.15 19.63
CA LYS A 94 -0.10 -21.03 19.49
C LYS A 94 -0.10 -20.14 20.73
N GLU A 95 -0.17 -20.73 21.93
CA GLU A 95 -0.25 -19.88 23.11
C GLU A 95 1.07 -19.20 23.44
N GLU A 96 2.16 -19.49 22.72
CA GLU A 96 3.40 -18.74 22.90
C GLU A 96 3.65 -17.72 21.79
N GLN A 97 2.83 -17.73 20.73
CA GLN A 97 3.07 -16.79 19.66
C GLN A 97 2.78 -15.35 20.11
N PRO A 98 3.53 -14.38 19.59
CA PRO A 98 3.34 -13.01 20.02
C PRO A 98 2.04 -12.48 19.47
N LYS A 99 1.44 -11.54 20.21
N LYS A 99 1.44 -11.55 20.21
CA LYS A 99 0.32 -10.76 19.72
CA LYS A 99 0.32 -10.77 19.69
C LYS A 99 0.75 -9.51 18.97
C LYS A 99 0.77 -9.54 18.93
N GLN A 100 1.98 -9.07 19.17
CA GLN A 100 2.55 -7.90 18.50
C GLN A 100 4.04 -8.15 18.25
N ILE A 101 4.52 -7.70 17.11
CA ILE A 101 5.96 -7.66 16.81
C ILE A 101 6.30 -6.21 16.53
N ILE A 102 7.22 -5.64 17.30
CA ILE A 102 7.68 -4.26 17.15
C ILE A 102 9.04 -4.25 16.45
N VAL A 103 9.11 -3.64 15.25
CA VAL A 103 10.37 -3.56 14.50
C VAL A 103 11.06 -2.25 14.84
N THR A 104 12.37 -2.31 15.05
CA THR A 104 13.07 -1.10 15.43
C THR A 104 13.37 -0.15 14.27
N ARG A 105 13.25 -0.59 13.03
CA ARG A 105 13.43 0.25 11.84
C ARG A 105 12.23 0.09 10.92
N LYS A 106 11.68 1.21 10.44
CA LYS A 106 10.45 1.16 9.62
C LYS A 106 10.60 0.38 8.34
N ALA A 107 11.81 0.25 7.80
CA ALA A 107 11.98 -0.52 6.58
C ALA A 107 11.70 -2.01 6.79
N MET A 108 11.62 -2.49 8.05
CA MET A 108 11.18 -3.86 8.28
C MET A 108 9.67 -4.05 8.23
N LEU A 109 8.86 -2.99 8.22
CA LEU A 109 7.41 -3.18 8.31
C LEU A 109 6.85 -3.99 7.13
N ASP A 110 7.10 -3.56 5.89
CA ASP A 110 6.49 -4.28 4.78
C ASP A 110 7.03 -5.71 4.66
N PRO A 111 8.35 -5.95 4.72
CA PRO A 111 8.81 -7.34 4.63
C PRO A 111 8.16 -8.22 5.70
N LEU A 112 8.03 -7.76 6.94
CA LEU A 112 7.46 -8.62 7.98
C LEU A 112 5.95 -8.75 7.79
N GLU A 113 5.26 -7.66 7.48
CA GLU A 113 3.83 -7.80 7.21
C GLU A 113 3.56 -8.83 6.13
N VAL A 114 4.35 -8.81 5.04
CA VAL A 114 4.13 -9.73 3.94
C VAL A 114 4.42 -11.17 4.37
N HIS A 115 5.50 -11.37 5.14
CA HIS A 115 5.76 -12.73 5.60
C HIS A 115 4.75 -13.24 6.62
N MET A 116 4.00 -12.35 7.24
CA MET A 116 3.08 -12.74 8.31
C MET A 116 1.63 -12.63 7.87
N LEU A 117 1.36 -12.67 6.56
CA LEU A 117 -0.03 -12.56 6.10
C LEU A 117 -0.91 -13.69 6.63
N ASP A 118 -0.31 -14.86 6.87
CA ASP A 118 -0.98 -15.99 7.50
C ASP A 118 -1.41 -15.73 8.95
N PHE A 119 -0.86 -14.71 9.59
CA PHE A 119 -1.18 -14.37 10.98
C PHE A 119 -1.79 -12.98 11.01
N PRO A 120 -3.04 -12.85 10.53
CA PRO A 120 -3.69 -11.53 10.52
C PRO A 120 -3.88 -10.93 11.89
N ASN A 121 -3.95 -11.74 12.94
CA ASN A 121 -4.15 -11.23 14.28
C ASN A 121 -2.86 -10.79 14.99
N ILE A 122 -1.69 -10.97 14.39
CA ILE A 122 -0.45 -10.45 14.95
C ILE A 122 -0.20 -9.05 14.38
N ALA A 123 -0.14 -8.05 15.26
CA ALA A 123 0.10 -6.67 14.88
C ALA A 123 1.59 -6.44 14.66
N ILE A 124 1.93 -5.86 13.51
CA ILE A 124 3.29 -5.46 13.18
C ILE A 124 3.37 -3.95 13.33
N ARG A 125 4.26 -3.48 14.20
CA ARG A 125 4.29 -2.09 14.62
C ARG A 125 5.70 -1.51 14.58
N PRO A 126 5.81 -0.23 14.20
CA PRO A 126 7.08 0.47 14.35
C PRO A 126 7.21 1.09 15.73
N THR A 127 8.30 1.80 15.97
CA THR A 127 8.48 2.49 17.23
C THR A 127 9.21 3.80 16.98
N GLU A 128 8.83 4.82 17.79
N GLU A 128 8.86 4.82 17.77
CA GLU A 128 9.53 6.10 17.82
CA GLU A 128 9.61 6.07 17.77
C GLU A 128 10.74 6.07 18.77
C GLU A 128 10.76 6.06 18.76
N LEU A 129 10.89 5.02 19.56
CA LEU A 129 12.02 4.91 20.47
C LEU A 129 13.31 4.63 19.69
N ARG A 130 14.41 5.23 20.14
CA ARG A 130 15.73 4.98 19.55
C ARG A 130 16.41 3.96 20.45
N LEU A 131 16.18 2.71 20.15
CA LEU A 131 16.69 1.69 21.05
C LEU A 131 18.09 1.26 20.60
N PRO A 132 18.96 0.94 21.55
CA PRO A 132 20.37 0.71 21.20
C PRO A 132 20.72 -0.75 20.94
N PHE A 133 19.82 -1.50 20.30
CA PHE A 133 20.03 -2.92 20.17
C PHE A 133 21.17 -3.24 19.20
N SER A 134 21.54 -2.30 18.33
CA SER A 134 22.70 -2.53 17.48
C SER A 134 23.93 -2.89 18.29
N ALA A 135 24.00 -2.43 19.54
CA ALA A 135 25.16 -2.71 20.39
C ALA A 135 25.15 -4.13 20.94
N ALA A 136 24.19 -4.96 20.51
CA ALA A 136 24.18 -6.35 20.98
C ALA A 136 25.49 -7.07 20.68
N MET A 137 26.15 -6.70 19.59
CA MET A 137 27.41 -7.35 19.27
C MET A 137 28.58 -6.84 20.10
N SER A 138 28.36 -5.89 21.00
CA SER A 138 29.37 -5.55 21.99
C SER A 138 29.30 -6.39 23.24
N ILE A 139 28.29 -7.24 23.38
CA ILE A 139 28.27 -8.22 24.47
C ILE A 139 29.15 -9.39 24.06
N ASP A 140 30.20 -9.64 24.83
CA ASP A 140 31.25 -10.56 24.38
C ASP A 140 30.69 -11.95 24.04
N LYS A 141 29.81 -12.51 24.86
CA LYS A 141 29.40 -13.88 24.56
C LYS A 141 28.53 -13.98 23.31
N LEU A 142 27.72 -12.94 23.03
CA LEU A 142 26.92 -12.93 21.82
C LEU A 142 27.79 -12.78 20.59
N SER A 143 28.71 -11.81 20.62
CA SER A 143 29.65 -11.65 19.52
C SER A 143 30.42 -12.96 19.25
N ASP A 144 30.79 -13.67 20.32
CA ASP A 144 31.60 -14.88 20.16
C ASP A 144 30.84 -15.96 19.42
N VAL A 145 29.59 -16.21 19.80
CA VAL A 145 28.86 -17.29 19.17
C VAL A 145 28.52 -16.94 17.73
N VAL A 146 28.32 -15.65 17.41
CA VAL A 146 28.05 -15.26 16.04
C VAL A 146 29.31 -15.49 15.17
N MET A 147 30.45 -15.03 15.65
N MET A 147 30.45 -15.03 15.64
N MET A 147 30.45 -15.05 15.65
CA MET A 147 31.67 -15.09 14.86
CA MET A 147 31.66 -15.11 14.82
CA MET A 147 31.64 -15.12 14.80
C MET A 147 32.16 -16.53 14.68
C MET A 147 32.12 -16.55 14.65
C MET A 147 32.17 -16.55 14.68
N LYS A 148 31.86 -17.42 15.62
CA LYS A 148 32.28 -18.81 15.53
C LYS A 148 31.36 -19.68 14.68
N ALA A 149 30.16 -19.21 14.36
CA ALA A 149 29.22 -20.06 13.64
C ALA A 149 29.76 -20.42 12.27
N THR A 150 29.62 -21.71 11.92
CA THR A 150 29.98 -22.21 10.62
C THR A 150 28.78 -22.52 9.74
N GLU A 151 27.56 -22.40 10.29
CA GLU A 151 26.33 -22.69 9.61
C GLU A 151 25.22 -21.88 10.24
N PRO A 152 24.07 -21.73 9.60
CA PRO A 152 22.95 -21.08 10.29
C PRO A 152 22.63 -21.78 11.61
N GLN A 153 22.26 -20.98 12.61
CA GLN A 153 22.10 -21.49 13.96
C GLN A 153 21.21 -20.52 14.70
N MET A 154 20.32 -21.04 15.55
CA MET A 154 19.59 -20.24 16.54
C MET A 154 20.14 -20.53 17.94
N VAL A 155 20.50 -19.46 18.65
CA VAL A 155 20.94 -19.58 20.04
C VAL A 155 20.01 -18.77 20.95
N LEU A 156 19.72 -19.29 22.16
CA LEU A 156 18.86 -18.69 23.20
C LEU A 156 19.65 -18.14 24.40
N PHE A 157 19.46 -16.89 24.80
CA PHE A 157 20.00 -16.29 26.05
C PHE A 157 18.88 -15.52 26.78
N ASN A 158 18.90 -15.47 28.11
CA ASN A 158 18.02 -14.53 28.81
C ASN A 158 18.96 -13.32 28.78
N ILE A 159 18.57 -12.23 28.16
CA ILE A 159 19.43 -11.04 28.18
C ILE A 159 19.44 -10.33 29.52
N TYR A 160 18.52 -10.67 30.43
CA TYR A 160 18.49 -10.12 31.77
C TYR A 160 19.20 -10.97 32.81
N ASP A 161 19.85 -12.06 32.41
CA ASP A 161 20.43 -13.05 33.34
C ASP A 161 19.34 -13.40 34.34
N ASP A 162 19.62 -13.34 35.65
CA ASP A 162 18.66 -13.64 36.71
C ASP A 162 18.03 -12.39 37.32
N TRP A 163 18.12 -11.24 36.63
CA TRP A 163 17.70 -10.01 37.28
C TRP A 163 16.23 -10.06 37.69
N LEU A 164 15.37 -10.73 36.91
CA LEU A 164 13.95 -10.66 37.26
C LEU A 164 13.61 -11.32 38.59
N ASP A 165 14.52 -12.11 39.17
CA ASP A 165 14.29 -12.62 40.53
C ASP A 165 14.29 -11.51 41.56
N ARG A 166 14.87 -10.35 41.20
CA ARG A 166 14.99 -9.24 42.13
C ARG A 166 14.37 -7.92 41.66
N ILE A 167 14.19 -7.70 40.36
CA ILE A 167 13.65 -6.45 39.85
C ILE A 167 12.55 -6.75 38.86
N SER A 168 11.73 -5.73 38.57
CA SER A 168 10.68 -5.88 37.58
C SER A 168 11.22 -5.80 36.15
N SER A 169 10.39 -6.22 35.18
N SER A 169 10.39 -6.19 35.17
CA SER A 169 10.78 -6.16 33.78
CA SER A 169 10.84 -6.15 33.78
C SER A 169 11.01 -4.72 33.34
C SER A 169 10.99 -4.72 33.29
N TYR A 170 10.18 -3.79 33.81
CA TYR A 170 10.39 -2.39 33.47
C TYR A 170 11.81 -1.98 33.83
N THR A 171 12.20 -2.27 35.07
CA THR A 171 13.53 -1.93 35.57
C THR A 171 14.63 -2.69 34.83
N ALA A 172 14.39 -3.97 34.52
CA ALA A 172 15.38 -4.76 33.79
C ALA A 172 15.59 -4.22 32.39
N PHE A 173 14.51 -3.83 31.73
CA PHE A 173 14.67 -3.27 30.40
C PHE A 173 15.39 -1.93 30.46
N SER A 174 15.13 -1.13 31.49
CA SER A 174 15.81 0.17 31.63
C SER A 174 17.30 -0.04 31.84
N ARG A 175 17.66 -1.00 32.68
CA ARG A 175 19.07 -1.35 32.88
C ARG A 175 19.71 -1.80 31.57
N LEU A 176 19.04 -2.71 30.85
CA LEU A 176 19.60 -3.21 29.59
C LEU A 176 19.86 -2.07 28.61
N THR A 177 18.87 -1.22 28.40
CA THR A 177 19.04 -0.14 27.44
C THR A 177 20.10 0.85 27.89
N LEU A 178 20.25 1.08 29.19
CA LEU A 178 21.36 1.93 29.64
C LEU A 178 22.71 1.29 29.33
N LEU A 179 22.84 0.01 29.63
CA LEU A 179 24.08 -0.71 29.33
C LEU A 179 24.37 -0.69 27.83
N LEU A 180 23.35 -0.95 27.01
CA LEU A 180 23.60 -0.99 25.58
C LEU A 180 23.92 0.39 25.02
N ARG A 181 23.19 1.41 25.48
CA ARG A 181 23.50 2.79 25.07
C ARG A 181 24.93 3.16 25.42
N ALA A 182 25.41 2.76 26.61
CA ALA A 182 26.79 3.06 26.97
C ALA A 182 27.76 2.37 26.04
N LEU A 183 27.59 1.07 25.83
CA LEU A 183 28.47 0.30 24.97
C LEU A 183 28.48 0.86 23.55
N LYS A 184 27.35 1.38 23.09
CA LYS A 184 27.27 1.98 21.79
C LYS A 184 28.00 3.32 21.73
N THR A 185 28.01 4.08 22.82
N THR A 185 28.05 4.05 22.83
CA THR A 185 28.63 5.40 22.79
CA THR A 185 28.64 5.39 22.80
C THR A 185 30.13 5.36 23.06
C THR A 185 30.13 5.35 23.04
N ASN A 186 30.58 4.43 23.89
CA ASN A 186 32.02 4.25 24.12
C ASN A 186 32.22 2.83 24.63
N GLU A 187 32.44 1.90 23.70
CA GLU A 187 32.51 0.49 24.08
C GLU A 187 33.65 0.22 25.05
N GLU A 188 34.82 0.80 24.81
CA GLU A 188 35.97 0.48 25.66
C GLU A 188 35.69 0.90 27.10
N SER A 189 35.30 2.16 27.29
CA SER A 189 34.98 2.68 28.61
C SER A 189 33.90 1.83 29.29
N ALA A 190 32.80 1.58 28.57
CA ALA A 190 31.72 0.78 29.10
C ALA A 190 32.23 -0.57 29.60
N LYS A 191 33.06 -1.24 28.79
CA LYS A 191 33.54 -2.56 29.19
C LYS A 191 34.53 -2.46 30.34
N MET A 192 35.29 -1.37 30.43
CA MET A 192 36.15 -1.20 31.60
CA MET A 192 36.14 -1.14 31.58
C MET A 192 35.31 -1.04 32.87
N ILE A 193 34.22 -0.28 32.81
CA ILE A 193 33.32 -0.15 33.96
C ILE A 193 32.83 -1.53 34.39
N LEU A 194 32.37 -2.32 33.42
CA LEU A 194 31.71 -3.58 33.74
C LEU A 194 32.67 -4.62 34.28
N LEU A 195 33.94 -4.59 33.88
CA LEU A 195 34.84 -5.71 34.12
C LEU A 195 36.05 -5.37 34.98
N SER A 196 36.26 -4.10 35.33
CA SER A 196 37.48 -3.70 36.02
C SER A 196 37.65 -4.49 37.32
N ASP A 197 36.58 -4.70 38.06
CA ASP A 197 36.67 -5.36 39.37
C ASP A 197 36.76 -6.87 39.21
N PRO A 198 37.95 -7.48 39.36
CA PRO A 198 38.09 -8.90 39.01
C PRO A 198 37.37 -9.84 39.95
N THR A 199 36.89 -9.35 41.10
CA THR A 199 36.22 -10.20 42.05
C THR A 199 34.75 -10.41 41.71
N ILE A 200 34.22 -9.64 40.77
CA ILE A 200 32.84 -9.80 40.31
C ILE A 200 32.93 -10.52 38.98
N THR A 201 32.42 -11.73 38.90
CA THR A 201 32.59 -12.50 37.68
C THR A 201 31.25 -12.63 36.95
N ILE A 202 31.34 -13.11 35.72
CA ILE A 202 30.20 -13.47 34.89
C ILE A 202 29.98 -14.97 34.97
N LYS A 203 28.82 -15.40 35.46
CA LYS A 203 28.56 -16.81 35.56
C LYS A 203 28.55 -17.42 34.16
N SER A 204 28.83 -18.73 34.09
CA SER A 204 28.96 -19.37 32.81
C SER A 204 27.68 -19.25 31.99
N TYR A 205 26.44 -19.19 32.48
CA TYR A 205 25.26 -19.10 31.56
C TYR A 205 24.81 -17.65 31.44
N HIS A 206 25.48 -16.75 32.14
CA HIS A 206 25.08 -15.34 32.15
C HIS A 206 25.88 -14.54 31.13
N LEU A 207 25.38 -13.34 30.85
CA LEU A 207 26.01 -12.42 29.91
C LEU A 207 26.74 -11.28 30.61
N TRP A 208 26.28 -10.89 31.78
CA TRP A 208 26.71 -9.74 32.53
C TRP A 208 27.24 -10.22 33.89
N PRO A 209 28.00 -9.38 34.58
CA PRO A 209 28.56 -9.78 35.88
C PRO A 209 27.51 -9.92 36.98
N SER A 210 27.88 -10.66 38.02
CA SER A 210 26.99 -10.93 39.15
C SER A 210 27.01 -9.80 40.19
N PHE A 211 26.58 -8.62 39.76
CA PHE A 211 26.58 -7.47 40.66
C PHE A 211 25.50 -7.62 41.73
N THR A 212 25.82 -7.20 42.96
CA THR A 212 24.80 -6.99 43.97
C THR A 212 23.92 -5.80 43.60
N ASP A 213 22.77 -5.69 44.26
CA ASP A 213 21.89 -4.54 44.06
C ASP A 213 22.66 -3.24 44.20
N GLU A 214 23.50 -3.13 45.24
CA GLU A 214 24.23 -1.89 45.48
C GLU A 214 25.25 -1.64 44.39
N GLN A 215 25.90 -2.72 43.92
CA GLN A 215 26.87 -2.58 42.85
C GLN A 215 26.19 -2.17 41.55
N TRP A 216 24.97 -2.67 41.29
CA TRP A 216 24.28 -2.24 40.08
C TRP A 216 24.02 -0.74 40.11
N ILE A 217 23.68 -0.21 41.29
CA ILE A 217 23.46 1.23 41.40
C ILE A 217 24.74 1.99 41.04
N THR A 218 25.87 1.54 41.57
CA THR A 218 27.14 2.19 41.22
C THR A 218 27.41 2.07 39.72
N ILE A 219 27.32 0.85 39.19
CA ILE A 219 27.53 0.63 37.76
C ILE A 219 26.60 1.51 36.95
N GLU A 220 25.32 1.52 37.31
CA GLU A 220 24.36 2.30 36.54
C GLU A 220 24.73 3.77 36.54
N SER A 221 25.18 4.28 37.70
N SER A 221 25.19 4.29 37.69
CA SER A 221 25.67 5.65 37.80
CA SER A 221 25.63 5.69 37.73
C SER A 221 26.86 5.88 36.87
C SER A 221 26.87 5.90 36.87
N GLN A 222 27.82 4.97 36.89
CA GLN A 222 29.01 5.12 36.06
C GLN A 222 28.63 5.14 34.59
N MET A 223 27.64 4.34 34.19
CA MET A 223 27.20 4.33 32.80
C MET A 223 26.54 5.65 32.39
N ARG A 224 25.74 6.23 33.28
N ARG A 224 25.76 6.25 33.29
CA ARG A 224 25.17 7.55 33.00
CA ARG A 224 25.15 7.54 33.00
C ARG A 224 26.27 8.58 32.82
C ARG A 224 26.20 8.64 32.88
N ASP A 225 27.23 8.62 33.74
CA ASP A 225 28.35 9.56 33.63
CA ASP A 225 28.33 9.58 33.62
C ASP A 225 29.05 9.42 32.27
N LEU A 226 29.40 8.18 31.91
CA LEU A 226 30.05 7.91 30.63
C LEU A 226 29.27 8.52 29.50
N ILE A 227 27.96 8.31 29.49
CA ILE A 227 27.14 8.79 28.39
C ILE A 227 27.14 10.30 28.38
N LEU A 228 27.00 10.91 29.56
CA LEU A 228 27.10 12.36 29.67
C LEU A 228 28.47 12.87 29.20
N THR A 229 29.55 12.28 29.72
CA THR A 229 30.91 12.55 29.24
C THR A 229 30.99 12.61 27.71
N GLU A 230 30.82 11.45 27.07
CA GLU A 230 30.90 11.38 25.61
C GLU A 230 30.03 12.44 24.94
N TYR A 231 28.89 12.76 25.55
CA TYR A 231 28.04 13.79 24.98
C TYR A 231 28.77 15.13 24.95
N GLY A 232 29.56 15.42 26.00
CA GLY A 232 30.37 16.63 26.02
C GLY A 232 31.52 16.55 25.06
N ARG A 233 32.37 15.51 25.21
CA ARG A 233 33.46 15.26 24.27
C ARG A 233 32.99 15.39 22.84
N LYS A 234 31.80 14.87 22.54
CA LYS A 234 31.27 14.90 21.18
C LYS A 234 30.89 16.32 20.78
N TYR A 235 30.11 16.99 21.61
CA TYR A 235 29.55 18.30 21.30
C TYR A 235 30.36 19.45 21.88
N ASN A 236 31.43 19.18 22.63
CA ASN A 236 32.21 20.22 23.28
C ASN A 236 31.34 21.05 24.24
N VAL A 237 30.68 20.35 25.18
CA VAL A 237 29.80 20.98 26.17
C VAL A 237 30.25 20.67 27.60
N MET B 5 -27.91 7.07 -35.66
CA MET B 5 -27.78 7.92 -34.43
C MET B 5 -28.98 7.79 -33.49
N ASN B 6 -28.76 7.69 -32.18
CA ASN B 6 -29.87 7.48 -31.26
C ASN B 6 -30.15 8.72 -30.43
N THR B 7 -31.25 8.64 -29.67
CA THR B 7 -31.86 9.76 -28.96
C THR B 7 -32.18 9.32 -27.54
N VAL B 8 -31.93 10.20 -26.55
CA VAL B 8 -32.34 10.08 -25.12
C VAL B 8 -33.33 11.22 -24.87
N PRO B 9 -34.64 11.05 -25.15
CA PRO B 9 -35.56 12.13 -24.94
C PRO B 9 -35.85 12.33 -23.46
N PHE B 10 -36.32 13.52 -23.10
CA PHE B 10 -36.62 13.92 -21.70
C PHE B 10 -38.10 14.25 -21.61
N THR B 11 -38.78 13.78 -20.58
CA THR B 11 -40.19 14.17 -20.44
C THR B 11 -40.27 15.69 -20.27
N SER B 12 -39.41 16.29 -19.49
CA SER B 12 -39.31 17.75 -19.23
C SER B 12 -38.00 18.02 -18.50
N ALA B 13 -37.78 19.26 -18.05
CA ALA B 13 -36.68 19.65 -17.16
C ALA B 13 -37.22 20.56 -16.07
N PRO B 14 -37.88 19.99 -15.06
CA PRO B 14 -38.54 20.83 -14.03
C PRO B 14 -37.59 21.56 -13.10
N ILE B 15 -36.36 21.08 -12.91
CA ILE B 15 -35.41 21.76 -12.05
C ILE B 15 -34.14 22.08 -12.81
N GLU B 16 -33.56 23.23 -12.47
CA GLU B 16 -32.32 23.67 -13.09
C GLU B 16 -31.17 22.70 -12.78
N VAL B 17 -30.41 22.34 -13.82
CA VAL B 17 -29.48 21.22 -13.74
C VAL B 17 -28.43 21.40 -14.81
N THR B 18 -27.18 21.07 -14.49
CA THR B 18 -26.14 20.84 -15.48
C THR B 18 -26.18 19.39 -15.93
N ILE B 19 -26.35 19.20 -17.25
CA ILE B 19 -26.43 17.87 -17.85
C ILE B 19 -25.13 17.57 -18.56
N GLY B 20 -24.62 16.37 -18.36
CA GLY B 20 -23.44 16.00 -19.07
C GLY B 20 -23.66 14.75 -19.88
N ILE B 21 -23.07 14.68 -21.06
CA ILE B 21 -23.21 13.51 -21.94
C ILE B 21 -21.74 13.19 -22.30
N ASP B 22 -21.20 12.06 -21.83
CA ASP B 22 -19.76 11.69 -21.98
C ASP B 22 -18.87 12.86 -21.50
N GLN B 23 -17.92 13.41 -22.28
CA GLN B 23 -16.94 14.42 -21.85
C GLN B 23 -17.56 15.83 -21.97
N TYR B 24 -18.79 15.99 -22.48
CA TYR B 24 -19.47 17.29 -22.67
C TYR B 24 -20.43 17.66 -21.52
N SER B 25 -20.63 18.94 -21.28
CA SER B 25 -21.54 19.46 -20.23
C SER B 25 -22.28 20.70 -20.76
N PHE B 26 -23.58 20.86 -20.44
CA PHE B 26 -24.43 22.03 -20.81
C PHE B 26 -25.42 22.28 -19.68
N ASN B 27 -25.93 23.50 -19.62
CA ASN B 27 -26.87 23.97 -18.57
C ASN B 27 -28.33 24.00 -19.06
N VAL B 28 -29.27 23.58 -18.23
CA VAL B 28 -30.70 23.68 -18.50
C VAL B 28 -31.37 24.45 -17.37
N LYS B 29 -32.14 25.47 -17.72
CA LYS B 29 -32.78 26.26 -16.69
C LYS B 29 -34.11 25.65 -16.27
N GLU B 30 -34.52 25.96 -15.03
CA GLU B 30 -35.78 25.46 -14.48
C GLU B 30 -36.95 25.71 -15.42
N ASN B 31 -37.62 24.64 -15.86
CA ASN B 31 -38.78 24.69 -16.73
C ASN B 31 -38.45 25.17 -18.14
N GLN B 32 -37.18 25.06 -18.55
CA GLN B 32 -36.82 25.40 -19.92
C GLN B 32 -37.33 24.30 -20.87
N PRO B 33 -37.77 24.66 -22.10
CA PRO B 33 -38.34 23.68 -23.03
C PRO B 33 -37.36 22.67 -23.64
N PHE B 34 -36.79 21.85 -22.79
CA PHE B 34 -35.74 20.94 -23.16
C PHE B 34 -36.30 19.54 -23.22
N HIS B 35 -36.14 18.87 -24.38
CA HIS B 35 -36.65 17.51 -24.45
C HIS B 35 -35.64 16.47 -24.87
N GLY B 36 -34.35 16.71 -24.62
CA GLY B 36 -33.36 15.63 -24.60
C GLY B 36 -32.21 15.80 -25.59
N ILE B 37 -31.57 14.70 -25.90
CA ILE B 37 -30.31 14.67 -26.62
C ILE B 37 -30.43 13.74 -27.82
N LYS B 38 -30.08 14.25 -28.99
CA LYS B 38 -30.21 13.50 -30.24
C LYS B 38 -28.83 13.31 -30.86
N ASP B 39 -28.77 12.49 -31.91
CA ASP B 39 -27.55 12.24 -32.69
C ASP B 39 -26.45 11.56 -31.86
N ILE B 40 -26.85 10.71 -30.92
CA ILE B 40 -25.89 10.01 -30.07
C ILE B 40 -25.26 8.87 -30.86
N PRO B 41 -23.93 8.81 -30.97
CA PRO B 41 -23.30 7.77 -31.78
C PRO B 41 -23.64 6.37 -31.30
N ILE B 42 -24.12 5.57 -32.24
CA ILE B 42 -24.25 4.15 -32.00
C ILE B 42 -22.89 3.48 -32.06
N GLY B 43 -22.70 2.51 -31.20
CA GLY B 43 -21.51 1.69 -31.18
C GLY B 43 -20.70 1.85 -29.94
N HIS B 44 -21.03 2.82 -29.08
CA HIS B 44 -20.25 3.06 -27.88
C HIS B 44 -21.20 3.00 -26.69
N VAL B 45 -20.64 2.77 -25.53
N VAL B 45 -20.67 2.68 -25.52
CA VAL B 45 -21.36 2.98 -24.28
CA VAL B 45 -21.44 2.99 -24.31
C VAL B 45 -21.27 4.45 -23.88
C VAL B 45 -21.47 4.51 -24.18
N HIS B 46 -22.36 5.00 -23.33
CA HIS B 46 -22.44 6.41 -23.07
C HIS B 46 -22.83 6.60 -21.61
N VAL B 47 -22.64 7.81 -21.12
CA VAL B 47 -23.09 8.16 -19.77
C VAL B 47 -23.77 9.51 -19.84
N ILE B 48 -24.95 9.60 -19.23
N ILE B 48 -24.99 9.58 -19.32
CA ILE B 48 -25.67 10.87 -19.11
CA ILE B 48 -25.66 10.86 -19.09
C ILE B 48 -25.76 11.19 -17.62
C ILE B 48 -25.59 11.12 -17.61
N HIS B 49 -25.29 12.37 -17.26
CA HIS B 49 -25.07 12.69 -15.85
C HIS B 49 -25.58 14.08 -15.50
N PHE B 50 -25.71 14.32 -14.17
CA PHE B 50 -26.52 15.40 -13.69
C PHE B 50 -25.88 16.01 -12.45
N GLN B 51 -25.90 17.34 -12.39
CA GLN B 51 -25.61 18.05 -11.15
C GLN B 51 -26.63 19.16 -10.97
N HIS B 52 -27.43 19.07 -9.92
CA HIS B 52 -28.48 20.05 -9.73
C HIS B 52 -27.89 21.42 -9.39
N ALA B 53 -28.54 22.46 -9.90
CA ALA B 53 -28.04 23.82 -9.71
C ALA B 53 -28.14 24.25 -8.26
N ASP B 54 -29.11 23.68 -7.52
CA ASP B 54 -29.39 24.09 -6.15
C ASP B 54 -28.71 23.22 -5.11
N ASN B 55 -28.16 22.06 -5.49
CA ASN B 55 -27.35 21.27 -4.56
C ASN B 55 -26.31 20.54 -5.40
N SER B 56 -25.21 21.21 -5.66
CA SER B 56 -24.13 20.60 -6.41
C SER B 56 -23.61 19.34 -5.74
N SER B 57 -24.05 19.05 -4.52
CA SER B 57 -23.74 17.78 -3.90
C SER B 57 -24.52 16.65 -4.60
N MET B 58 -23.91 15.48 -4.66
N MET B 58 -23.86 15.50 -4.69
CA MET B 58 -24.44 14.38 -5.47
CA MET B 58 -24.33 14.34 -5.43
C MET B 58 -24.43 14.75 -6.95
C MET B 58 -24.45 14.61 -6.93
N ARG B 59 -23.35 14.41 -7.65
CA ARG B 59 -23.43 14.16 -9.08
C ARG B 59 -23.99 12.76 -9.23
N TYR B 60 -24.83 12.52 -10.23
CA TYR B 60 -25.30 11.15 -10.45
C TYR B 60 -25.54 11.00 -11.95
N GLY B 61 -25.70 9.75 -12.37
CA GLY B 61 -25.82 9.51 -13.80
C GLY B 61 -26.10 8.06 -14.16
N TYR B 62 -26.19 7.82 -15.46
CA TYR B 62 -26.59 6.52 -15.98
C TYR B 62 -25.69 6.13 -17.14
N TRP B 63 -25.09 4.94 -17.05
CA TRP B 63 -24.38 4.30 -18.14
C TRP B 63 -25.37 3.49 -18.96
N PHE B 64 -25.32 3.63 -20.28
CA PHE B 64 -26.27 2.96 -21.15
C PHE B 64 -25.67 2.74 -22.54
N ASP B 65 -26.34 1.88 -23.31
CA ASP B 65 -25.98 1.56 -24.69
C ASP B 65 -27.30 1.52 -25.46
N CYS B 66 -27.49 2.51 -26.34
CA CYS B 66 -28.71 2.65 -27.13
C CYS B 66 -29.07 1.42 -27.96
N ARG B 67 -28.13 0.52 -28.18
CA ARG B 67 -28.48 -0.73 -28.85
C ARG B 67 -29.29 -1.65 -27.97
N MET B 68 -29.30 -1.45 -26.66
N MET B 68 -29.29 -1.44 -26.66
CA MET B 68 -29.94 -2.38 -25.74
CA MET B 68 -29.91 -2.36 -25.71
C MET B 68 -31.35 -1.97 -25.32
C MET B 68 -31.35 -1.99 -25.35
N GLY B 69 -31.89 -0.92 -25.90
CA GLY B 69 -33.25 -0.52 -25.59
C GLY B 69 -33.46 0.93 -25.92
N ASN B 70 -34.72 1.36 -25.81
CA ASN B 70 -35.13 2.75 -25.97
C ASN B 70 -35.24 3.39 -24.58
N PHE B 71 -34.47 4.43 -24.31
CA PHE B 71 -34.40 5.01 -22.96
C PHE B 71 -34.78 6.48 -22.99
N TYR B 72 -35.42 6.96 -21.93
CA TYR B 72 -35.76 8.38 -21.79
C TYR B 72 -35.58 8.78 -20.33
N ILE B 73 -35.52 10.08 -20.07
CA ILE B 73 -35.33 10.63 -18.71
C ILE B 73 -36.57 11.40 -18.26
N GLN B 74 -37.09 11.14 -17.07
CA GLN B 74 -38.22 11.91 -16.52
C GLN B 74 -37.82 12.24 -15.10
N TYR B 75 -38.02 13.48 -14.69
CA TYR B 75 -37.71 13.86 -13.32
C TYR B 75 -38.79 13.21 -12.45
N ASP B 76 -38.39 12.73 -11.28
CA ASP B 76 -39.29 12.20 -10.25
C ASP B 76 -39.36 13.18 -9.09
N PRO B 77 -40.50 13.86 -8.89
CA PRO B 77 -40.57 14.90 -7.83
C PRO B 77 -40.59 14.34 -6.41
N LYS B 78 -40.75 13.03 -6.24
CA LYS B 78 -40.75 12.43 -4.91
C LYS B 78 -39.32 12.11 -4.50
N ASP B 79 -38.59 11.39 -5.37
CA ASP B 79 -37.19 11.07 -5.11
C ASP B 79 -36.24 12.19 -5.50
N GLY B 80 -36.71 13.22 -6.20
CA GLY B 80 -35.91 14.41 -6.43
C GLY B 80 -34.76 14.19 -7.39
N LEU B 81 -34.96 13.36 -8.40
CA LEU B 81 -33.87 13.25 -9.36
C LEU B 81 -34.38 12.87 -10.73
N TYR B 82 -33.55 13.16 -11.72
CA TYR B 82 -33.79 12.73 -13.08
C TYR B 82 -33.56 11.22 -13.20
N LYS B 83 -34.60 10.47 -13.59
CA LYS B 83 -34.49 9.02 -13.66
C LYS B 83 -34.46 8.56 -15.11
N MET B 84 -33.58 7.59 -15.39
CA MET B 84 -33.61 6.90 -16.67
C MET B 84 -34.68 5.81 -16.61
N MET B 85 -35.43 5.69 -17.69
CA MET B 85 -36.44 4.66 -17.82
C MET B 85 -36.36 4.02 -19.20
N GLU B 86 -37.04 2.88 -19.34
CA GLU B 86 -37.12 2.13 -20.60
C GLU B 86 -38.56 2.09 -21.11
N GLU B 87 -38.81 2.43 -22.37
CA GLU B 87 -40.15 2.30 -22.98
C GLU B 87 -40.07 1.04 -23.84
N ARG B 88 -40.91 0.04 -23.59
CA ARG B 88 -40.90 -1.20 -24.39
C ARG B 88 -41.68 -0.90 -25.68
N ASP B 89 -42.64 0.02 -25.65
CA ASP B 89 -43.41 0.24 -26.86
C ASP B 89 -42.58 1.02 -27.90
N GLY B 90 -41.92 0.30 -28.81
CA GLY B 90 -41.04 0.95 -29.77
C GLY B 90 -41.75 1.98 -30.63
N ALA B 91 -42.95 1.61 -31.07
CA ALA B 91 -43.77 2.46 -31.96
C ALA B 91 -43.98 3.80 -31.28
N LYS B 92 -44.46 3.77 -30.05
CA LYS B 92 -44.77 4.95 -29.23
C LYS B 92 -43.51 5.78 -29.02
N PHE B 93 -42.40 5.14 -28.74
CA PHE B 93 -41.15 5.89 -28.47
C PHE B 93 -40.73 6.67 -29.70
N GLU B 94 -40.72 6.03 -30.86
CA GLU B 94 -40.31 6.66 -32.15
C GLU B 94 -41.30 7.75 -32.51
N ASN B 95 -42.57 7.53 -32.27
CA ASN B 95 -43.59 8.54 -32.59
C ASN B 95 -43.30 9.82 -31.80
N ILE B 96 -42.98 9.72 -30.50
CA ILE B 96 -42.65 10.88 -29.62
C ILE B 96 -41.31 11.50 -30.02
N VAL B 97 -40.27 10.72 -30.24
CA VAL B 97 -38.92 11.28 -30.55
C VAL B 97 -39.03 12.10 -31.83
N HIS B 98 -39.85 11.64 -32.78
CA HIS B 98 -40.07 12.38 -34.01
C HIS B 98 -40.73 13.74 -33.74
N ASN B 99 -41.70 13.81 -32.85
CA ASN B 99 -42.39 15.10 -32.52
C ASN B 99 -41.36 16.11 -31.99
N PHE B 100 -40.44 15.67 -31.15
CA PHE B 100 -39.38 16.50 -30.51
C PHE B 100 -38.40 17.01 -31.56
N LYS B 101 -38.04 16.13 -32.52
CA LYS B 101 -37.07 16.41 -33.62
C LYS B 101 -37.70 17.43 -34.56
N GLU B 102 -38.98 17.32 -34.81
CA GLU B 102 -39.70 18.27 -35.65
C GLU B 102 -39.80 19.64 -34.98
N ARG B 103 -40.03 19.68 -33.68
CA ARG B 103 -40.08 20.94 -32.94
C ARG B 103 -38.70 21.41 -32.47
N GLN B 104 -37.63 20.69 -32.82
CA GLN B 104 -36.24 21.03 -32.47
C GLN B 104 -36.10 21.27 -30.97
N MET B 105 -36.69 20.39 -30.18
CA MET B 105 -36.63 20.51 -28.73
C MET B 105 -35.43 19.75 -28.14
N MET B 106 -34.51 19.33 -28.97
CA MET B 106 -33.39 18.56 -28.42
C MET B 106 -32.10 19.27 -28.75
N VAL B 107 -31.10 19.07 -27.91
CA VAL B 107 -29.73 19.54 -28.20
C VAL B 107 -29.06 18.38 -28.93
N SER B 108 -28.04 18.69 -29.72
CA SER B 108 -27.38 17.68 -30.57
C SER B 108 -26.08 17.20 -29.95
N TYR B 109 -25.88 15.89 -29.81
CA TYR B 109 -24.55 15.34 -29.45
C TYR B 109 -23.60 15.95 -30.49
N PRO B 110 -22.50 16.61 -30.10
CA PRO B 110 -21.70 17.34 -31.07
C PRO B 110 -20.55 16.59 -31.71
N LYS B 111 -20.66 15.29 -32.01
CA LYS B 111 -19.45 14.56 -32.46
C LYS B 111 -18.90 15.27 -33.72
N ILE B 112 -17.61 15.64 -33.70
CA ILE B 112 -16.85 16.39 -34.73
C ILE B 112 -15.97 15.32 -35.35
N ASP B 113 -15.92 15.23 -36.69
CA ASP B 113 -15.27 14.11 -37.41
C ASP B 113 -13.73 14.14 -37.34
N GLU B 114 -13.08 14.93 -36.49
CA GLU B 114 -11.67 14.61 -36.25
C GLU B 114 -11.45 13.92 -34.91
N ASP B 115 -12.46 13.87 -34.06
CA ASP B 115 -12.28 13.58 -32.65
C ASP B 115 -12.57 12.11 -32.36
N ASP B 116 -11.56 11.40 -31.82
CA ASP B 116 -11.79 10.07 -31.31
C ASP B 116 -11.72 10.01 -29.79
N THR B 117 -11.92 11.15 -29.10
CA THR B 117 -11.73 11.15 -27.65
C THR B 117 -12.59 10.09 -26.96
N TRP B 118 -13.87 10.03 -27.32
CA TRP B 118 -14.75 9.16 -26.53
C TRP B 118 -14.45 7.70 -26.81
N TYR B 119 -14.21 7.35 -28.08
CA TYR B 119 -13.75 6.01 -28.40
C TYR B 119 -12.51 5.66 -27.59
N ASN B 120 -11.57 6.59 -27.55
CA ASN B 120 -10.29 6.27 -26.91
C ASN B 120 -10.44 6.14 -25.40
N LEU B 121 -11.48 6.72 -24.82
CA LEU B 121 -11.71 6.59 -23.36
C LEU B 121 -12.54 5.36 -23.01
N THR B 122 -13.28 4.81 -23.99
CA THR B 122 -14.21 3.71 -23.74
C THR B 122 -13.93 2.48 -24.60
N GLU B 123 -12.76 2.39 -25.24
CA GLU B 123 -12.46 1.35 -26.21
C GLU B 123 -12.81 -0.05 -25.69
N PHE B 124 -12.42 -0.35 -24.44
CA PHE B 124 -12.62 -1.67 -23.85
C PHE B 124 -13.81 -1.77 -22.89
N VAL B 125 -14.61 -0.72 -22.78
CA VAL B 125 -15.73 -0.68 -21.85
C VAL B 125 -16.94 -1.32 -22.52
N GLN B 126 -17.54 -2.29 -21.86
N GLN B 126 -17.51 -2.32 -21.86
CA GLN B 126 -18.67 -3.03 -22.39
CA GLN B 126 -18.67 -3.04 -22.33
C GLN B 126 -19.83 -2.98 -21.40
C GLN B 126 -19.83 -2.85 -21.36
N MET B 127 -21.02 -2.68 -21.90
CA MET B 127 -22.20 -2.58 -21.03
C MET B 127 -22.39 -3.86 -20.21
N ASP B 128 -22.08 -5.03 -20.77
CA ASP B 128 -22.27 -6.26 -20.00
C ASP B 128 -21.38 -6.27 -18.76
N LYS B 129 -20.14 -5.76 -18.87
CA LYS B 129 -19.26 -5.74 -17.71
C LYS B 129 -19.68 -4.65 -16.71
N ILE B 130 -20.15 -3.49 -17.19
CA ILE B 130 -20.62 -2.45 -16.29
C ILE B 130 -21.71 -3.01 -15.39
N ARG B 131 -22.60 -3.83 -15.96
CA ARG B 131 -23.76 -4.32 -15.22
C ARG B 131 -23.36 -5.34 -14.16
N LYS B 132 -22.18 -5.96 -14.30
CA LYS B 132 -21.64 -6.81 -13.24
C LYS B 132 -20.98 -6.01 -12.13
N ILE B 133 -20.38 -4.86 -12.47
CA ILE B 133 -19.81 -3.99 -11.44
C ILE B 133 -20.92 -3.28 -10.67
N VAL B 134 -21.96 -2.82 -11.36
CA VAL B 134 -23.10 -2.10 -10.77
C VAL B 134 -24.29 -3.05 -10.81
N ARG B 135 -24.66 -3.64 -9.68
CA ARG B 135 -25.65 -4.72 -9.68
C ARG B 135 -27.06 -4.16 -9.50
N LYS B 136 -27.85 -4.20 -10.57
CA LYS B 136 -29.25 -3.79 -10.57
C LYS B 136 -29.95 -4.39 -11.78
N ASP B 137 -30.10 -5.72 -11.78
CA ASP B 137 -30.31 -6.48 -13.01
C ASP B 137 -31.62 -6.16 -13.71
N GLU B 138 -32.61 -5.61 -13.01
CA GLU B 138 -33.90 -5.37 -13.67
C GLU B 138 -33.84 -4.23 -14.70
N ASN B 139 -32.81 -3.40 -14.70
CA ASN B 139 -32.63 -2.39 -15.73
C ASN B 139 -31.45 -2.73 -16.64
N GLN B 140 -31.53 -2.26 -17.90
CA GLN B 140 -30.48 -2.41 -18.89
C GLN B 140 -29.42 -1.32 -18.84
N PHE B 141 -29.65 -0.28 -18.05
CA PHE B 141 -28.74 0.83 -17.83
C PHE B 141 -28.32 0.77 -16.37
N SER B 142 -27.25 1.50 -16.02
CA SER B 142 -26.67 1.42 -14.68
C SER B 142 -26.48 2.80 -14.06
N TYR B 143 -27.05 2.97 -12.86
CA TYR B 143 -26.93 4.20 -12.09
C TYR B 143 -25.65 4.22 -11.28
N VAL B 144 -24.96 5.36 -11.30
CA VAL B 144 -23.78 5.59 -10.48
C VAL B 144 -23.87 6.98 -9.89
N ASP B 145 -23.34 7.17 -8.66
CA ASP B 145 -23.25 8.53 -8.15
C ASP B 145 -21.99 8.75 -7.30
N SER B 146 -21.85 10.00 -6.83
CA SER B 146 -20.65 10.47 -6.14
C SER B 146 -20.33 9.63 -4.90
N SER B 147 -21.37 9.20 -4.19
CA SER B 147 -21.21 8.65 -2.84
C SER B 147 -21.08 7.14 -2.80
N MET B 148 -21.34 6.44 -3.90
CA MET B 148 -21.29 4.98 -3.87
C MET B 148 -19.90 4.47 -3.54
N THR B 149 -19.86 3.48 -2.64
CA THR B 149 -18.62 2.91 -2.16
C THR B 149 -18.37 1.59 -2.87
N THR B 150 -17.11 1.16 -2.83
CA THR B 150 -16.69 -0.04 -3.51
C THR B 150 -16.70 -1.19 -2.53
N VAL B 151 -16.79 -2.41 -3.07
CA VAL B 151 -16.80 -3.62 -2.25
C VAL B 151 -15.58 -3.64 -1.32
N GLN B 152 -14.44 -3.15 -1.81
CA GLN B 152 -13.25 -3.11 -0.96
C GLN B 152 -13.37 -2.01 0.10
N GLU B 153 -13.96 -0.87 -0.25
CA GLU B 153 -14.19 0.17 0.75
C GLU B 153 -15.11 -0.34 1.85
N ASN B 154 -16.14 -1.12 1.47
CA ASN B 154 -17.04 -1.75 2.45
C ASN B 154 -16.33 -2.81 3.30
N GLU B 155 -15.14 -3.26 2.87
CA GLU B 155 -14.33 -4.18 3.66
C GLU B 155 -13.41 -3.46 4.64
N LEU B 156 -13.05 -2.21 4.35
CA LEU B 156 -12.14 -1.46 5.20
C LEU B 156 -12.90 -0.39 6.00
N SER B 161 -21.89 1.06 2.93
CA SER B 161 -21.95 -0.23 3.61
C SER B 161 -23.01 -1.11 2.95
N ASP B 162 -24.06 -0.48 2.43
CA ASP B 162 -25.13 -1.20 1.75
C ASP B 162 -24.55 -1.98 0.57
N PRO B 163 -24.60 -3.32 0.58
CA PRO B 163 -24.02 -4.08 -0.56
C PRO B 163 -24.74 -3.86 -1.88
N ALA B 164 -26.05 -3.54 -1.85
CA ALA B 164 -26.81 -3.44 -3.09
C ALA B 164 -26.43 -2.20 -3.89
N HIS B 165 -25.98 -1.15 -3.21
CA HIS B 165 -25.65 0.13 -3.82
C HIS B 165 -24.14 0.33 -3.96
N SER B 166 -23.39 -0.76 -4.06
CA SER B 166 -21.93 -0.69 -4.11
C SER B 166 -21.42 -0.83 -5.55
N LEU B 167 -20.16 -0.47 -5.73
CA LEU B 167 -19.43 -0.71 -6.97
C LEU B 167 -18.55 -1.94 -6.75
N ASN B 168 -18.86 -3.03 -7.46
N ASN B 168 -18.89 -3.03 -7.46
CA ASN B 168 -18.17 -4.31 -7.26
CA ASN B 168 -18.20 -4.31 -7.35
C ASN B 168 -16.96 -4.44 -8.20
C ASN B 168 -16.99 -4.39 -8.29
N TYR B 169 -16.03 -3.50 -8.05
CA TYR B 169 -14.80 -3.58 -8.79
C TYR B 169 -14.04 -4.81 -8.30
N THR B 170 -13.09 -5.25 -9.10
CA THR B 170 -12.23 -6.37 -8.72
C THR B 170 -11.26 -5.92 -7.64
N VAL B 171 -11.21 -6.66 -6.54
CA VAL B 171 -10.39 -6.25 -5.41
C VAL B 171 -8.92 -6.50 -5.73
N ILE B 172 -8.11 -5.45 -5.61
CA ILE B 172 -6.66 -5.54 -5.77
C ILE B 172 -6.04 -5.11 -4.43
N ASN B 173 -5.12 -5.92 -3.90
CA ASN B 173 -4.54 -5.64 -2.59
C ASN B 173 -3.14 -6.26 -2.60
N PHE B 174 -2.12 -5.41 -2.58
CA PHE B 174 -0.75 -5.88 -2.84
C PHE B 174 -0.20 -6.68 -1.67
N LYS B 175 -0.73 -6.47 -0.48
CA LYS B 175 -0.31 -7.19 0.72
C LYS B 175 -1.44 -8.13 1.13
N SER B 176 -1.64 -9.14 0.29
CA SER B 176 -2.71 -10.12 0.47
C SER B 176 -2.18 -11.47 0.06
N ARG B 177 -2.75 -12.52 0.65
CA ARG B 177 -2.35 -13.87 0.26
C ARG B 177 -2.57 -14.12 -1.23
N GLU B 178 -3.60 -13.53 -1.82
CA GLU B 178 -3.80 -13.71 -3.26
C GLU B 178 -2.65 -13.11 -4.05
N ALA B 179 -2.08 -12.02 -3.57
CA ALA B 179 -1.02 -11.36 -4.32
C ALA B 179 0.34 -12.00 -4.10
N ILE B 180 0.48 -12.85 -3.07
CA ILE B 180 1.79 -13.28 -2.61
C ILE B 180 1.81 -14.81 -2.48
N ARG B 181 2.68 -15.46 -3.26
CA ARG B 181 2.87 -16.91 -3.19
C ARG B 181 3.75 -17.27 -2.00
N PRO B 182 3.39 -18.27 -1.20
CA PRO B 182 4.30 -18.75 -0.15
C PRO B 182 5.67 -19.07 -0.72
N GLY B 183 6.71 -18.55 -0.07
CA GLY B 183 8.06 -18.80 -0.50
C GLY B 183 8.60 -17.86 -1.54
N HIS B 184 7.75 -17.00 -2.12
CA HIS B 184 8.20 -15.96 -3.04
C HIS B 184 7.84 -14.58 -2.51
N GLU B 185 7.81 -14.44 -1.18
CA GLU B 185 7.34 -13.21 -0.56
C GLU B 185 8.05 -11.98 -1.12
N MET B 186 9.37 -11.97 -1.04
CA MET B 186 10.09 -10.82 -1.54
C MET B 186 9.89 -10.69 -3.04
N GLU B 187 10.02 -11.80 -3.78
CA GLU B 187 9.93 -11.73 -5.24
C GLU B 187 8.58 -11.18 -5.67
N ASP B 188 7.50 -11.69 -5.08
CA ASP B 188 6.17 -11.29 -5.52
C ASP B 188 5.79 -9.90 -5.07
N PHE B 189 6.35 -9.41 -3.95
CA PHE B 189 6.01 -8.07 -3.47
C PHE B 189 6.76 -7.02 -4.28
N LEU B 190 8.00 -7.32 -4.67
CA LEU B 190 8.81 -6.35 -5.39
C LEU B 190 8.56 -6.37 -6.89
N ASP B 191 8.10 -7.50 -7.44
CA ASP B 191 7.76 -7.69 -8.84
C ASP B 191 6.41 -8.37 -8.92
N LYS B 192 5.37 -7.60 -9.29
CA LYS B 192 4.01 -8.09 -9.17
C LYS B 192 3.53 -8.88 -10.39
N SER B 193 4.43 -9.40 -11.22
CA SER B 193 4.02 -10.07 -12.46
C SER B 193 3.12 -11.29 -12.22
N TYR B 194 3.39 -12.09 -11.19
N TYR B 194 3.44 -12.10 -11.21
N TYR B 194 3.43 -12.10 -11.20
CA TYR B 194 2.55 -13.27 -11.01
CA TYR B 194 2.60 -13.24 -10.87
CA TYR B 194 2.58 -13.26 -10.95
C TYR B 194 1.13 -12.88 -10.57
C TYR B 194 1.17 -12.79 -10.66
C TYR B 194 1.15 -12.82 -10.64
N TYR B 195 1.00 -11.79 -9.81
CA TYR B 195 -0.31 -11.28 -9.46
C TYR B 195 -1.03 -10.74 -10.70
N LEU B 196 -0.33 -9.95 -11.51
CA LEU B 196 -0.96 -9.40 -12.71
C LEU B 196 -1.29 -10.50 -13.71
N ASN B 197 -0.29 -11.32 -14.06
CA ASN B 197 -0.43 -12.22 -15.21
C ASN B 197 -1.19 -13.48 -14.85
N THR B 198 -0.90 -14.10 -13.71
CA THR B 198 -1.54 -15.37 -13.44
C THR B 198 -2.82 -15.21 -12.63
N VAL B 199 -2.79 -14.40 -11.57
CA VAL B 199 -3.96 -14.24 -10.71
C VAL B 199 -5.01 -13.41 -11.42
N MET B 200 -4.64 -12.24 -11.92
CA MET B 200 -5.63 -11.29 -12.41
C MET B 200 -5.99 -11.54 -13.87
N LEU B 201 -5.00 -11.55 -14.74
CA LEU B 201 -5.24 -11.69 -16.17
C LEU B 201 -5.77 -13.10 -16.48
N GLN B 202 -4.94 -14.12 -16.27
N GLN B 202 -4.94 -14.12 -16.30
CA GLN B 202 -5.37 -15.48 -16.60
CA GLN B 202 -5.41 -15.47 -16.63
C GLN B 202 -6.55 -15.91 -15.76
C GLN B 202 -6.59 -15.88 -15.77
N GLY B 203 -6.54 -15.59 -14.46
CA GLY B 203 -7.54 -16.06 -13.53
C GLY B 203 -8.87 -15.34 -13.37
N ILE B 204 -8.88 -14.01 -13.29
CA ILE B 204 -10.08 -13.26 -12.96
C ILE B 204 -10.65 -12.55 -14.18
N PHE B 205 -9.81 -11.79 -14.89
CA PHE B 205 -10.26 -11.00 -16.03
C PHE B 205 -10.27 -11.80 -17.33
N LYS B 206 -9.46 -12.87 -17.41
CA LYS B 206 -9.37 -13.75 -18.57
C LYS B 206 -8.56 -13.15 -19.71
N ASN B 207 -8.69 -11.84 -19.98
CA ASN B 207 -7.90 -11.22 -21.03
C ASN B 207 -7.64 -9.76 -20.66
N SER B 208 -6.69 -9.15 -21.37
CA SER B 208 -6.33 -7.78 -21.01
C SER B 208 -7.41 -6.78 -21.41
N SER B 209 -8.25 -7.12 -22.40
CA SER B 209 -9.35 -6.22 -22.74
C SER B 209 -10.31 -6.00 -21.57
N ASN B 210 -10.68 -7.07 -20.84
CA ASN B 210 -11.57 -6.89 -19.71
C ASN B 210 -10.89 -6.10 -18.58
N TYR B 211 -9.58 -6.31 -18.41
CA TYR B 211 -8.82 -5.51 -17.44
C TYR B 211 -8.86 -4.03 -17.82
N PHE B 212 -8.52 -3.72 -19.07
CA PHE B 212 -8.53 -2.32 -19.50
C PHE B 212 -9.94 -1.73 -19.40
N GLY B 213 -10.98 -2.53 -19.67
CA GLY B 213 -12.34 -2.03 -19.56
C GLY B 213 -12.70 -1.56 -18.16
N GLU B 214 -12.34 -2.36 -17.15
CA GLU B 214 -12.59 -1.98 -15.78
C GLU B 214 -11.77 -0.76 -15.39
N LEU B 215 -10.51 -0.72 -15.82
CA LEU B 215 -9.66 0.45 -15.59
C LEU B 215 -10.28 1.71 -16.19
N GLN B 216 -10.75 1.63 -17.44
CA GLN B 216 -11.34 2.79 -18.08
C GLN B 216 -12.63 3.23 -17.38
N PHE B 217 -13.47 2.28 -16.97
CA PHE B 217 -14.73 2.57 -16.32
C PHE B 217 -14.48 3.23 -14.97
N ALA B 218 -13.49 2.73 -14.24
CA ALA B 218 -13.10 3.34 -12.98
C ALA B 218 -12.65 4.79 -13.18
N PHE B 219 -11.76 5.04 -14.14
CA PHE B 219 -11.36 6.43 -14.38
C PHE B 219 -12.58 7.31 -14.66
N LEU B 220 -13.49 6.85 -15.51
CA LEU B 220 -14.58 7.72 -15.91
C LEU B 220 -15.53 8.01 -14.74
N ASN B 221 -15.78 7.02 -13.88
CA ASN B 221 -16.61 7.29 -12.70
CA ASN B 221 -16.61 7.27 -12.69
C ASN B 221 -15.92 8.25 -11.76
N ALA B 222 -14.59 8.15 -11.65
CA ALA B 222 -13.85 9.11 -10.83
C ALA B 222 -13.98 10.52 -11.40
N MET B 223 -13.79 10.66 -12.72
CA MET B 223 -13.81 11.98 -13.34
C MET B 223 -15.22 12.59 -13.36
N PHE B 224 -16.23 11.81 -13.73
CA PHE B 224 -17.53 12.41 -13.95
C PHE B 224 -18.30 12.57 -12.65
N PHE B 225 -18.08 11.72 -11.65
CA PHE B 225 -18.86 11.76 -10.41
C PHE B 225 -18.02 12.13 -9.20
N GLY B 226 -16.71 12.30 -9.35
CA GLY B 226 -15.86 12.50 -8.19
C GLY B 226 -15.94 11.32 -7.24
N ASN B 227 -16.07 10.12 -7.78
CA ASN B 227 -16.24 8.91 -6.99
C ASN B 227 -14.86 8.47 -6.49
N TYR B 228 -14.65 8.61 -5.17
CA TYR B 228 -13.32 8.38 -4.60
C TYR B 228 -12.88 6.93 -4.75
N GLY B 229 -13.79 5.99 -4.50
CA GLY B 229 -13.43 4.58 -4.61
C GLY B 229 -13.04 4.18 -6.01
N SER B 230 -13.68 4.79 -7.00
CA SER B 230 -13.30 4.55 -8.39
C SER B 230 -11.90 5.09 -8.67
N SER B 231 -11.55 6.24 -8.09
CA SER B 231 -10.21 6.77 -8.29
C SER B 231 -9.16 5.82 -7.72
N LEU B 232 -9.44 5.26 -6.54
CA LEU B 232 -8.54 4.28 -5.93
C LEU B 232 -8.38 3.05 -6.82
N GLN B 233 -9.46 2.60 -7.46
CA GLN B 233 -9.41 1.44 -8.33
C GLN B 233 -8.56 1.75 -9.56
N TRP B 234 -8.82 2.88 -10.20
CA TRP B 234 -8.04 3.30 -11.35
C TRP B 234 -6.56 3.25 -11.03
N HIS B 235 -6.16 3.88 -9.92
CA HIS B 235 -4.72 3.93 -9.63
C HIS B 235 -4.15 2.56 -9.30
N ALA B 236 -4.92 1.73 -8.58
CA ALA B 236 -4.44 0.38 -8.26
C ALA B 236 -4.19 -0.42 -9.51
N MET B 237 -5.09 -0.29 -10.50
CA MET B 237 -4.89 -1.06 -11.72
C MET B 237 -3.70 -0.58 -12.54
N ILE B 238 -3.40 0.71 -12.50
CA ILE B 238 -2.20 1.21 -13.14
C ILE B 238 -0.97 0.68 -12.41
N GLU B 239 -0.98 0.83 -11.10
CA GLU B 239 0.19 0.50 -10.28
C GLU B 239 0.53 -0.98 -10.41
N LEU B 240 -0.48 -1.85 -10.48
CA LEU B 240 -0.22 -3.28 -10.69
C LEU B 240 0.57 -3.54 -11.98
N ILE B 241 0.24 -2.85 -13.08
CA ILE B 241 1.00 -3.03 -14.30
C ILE B 241 2.41 -2.46 -14.18
N CYS B 242 2.52 -1.23 -13.67
CA CYS B 242 3.80 -0.54 -13.63
C CYS B 242 4.78 -1.25 -12.69
N SER B 243 4.27 -1.93 -11.68
CA SER B 243 5.06 -2.68 -10.71
C SER B 243 5.29 -4.13 -11.11
N SER B 244 5.01 -4.49 -12.36
CA SER B 244 5.27 -5.83 -12.87
C SER B 244 6.42 -5.73 -13.86
N ALA B 245 7.45 -6.56 -13.66
CA ALA B 245 8.58 -6.57 -14.57
C ALA B 245 8.25 -7.24 -15.90
N THR B 246 7.29 -8.16 -15.92
CA THR B 246 6.97 -8.92 -17.13
C THR B 246 5.54 -8.61 -17.51
N VAL B 247 5.38 -7.81 -18.56
CA VAL B 247 4.06 -7.41 -19.04
C VAL B 247 4.06 -7.59 -20.56
N PRO B 248 3.06 -8.23 -21.13
CA PRO B 248 2.97 -8.28 -22.61
C PRO B 248 3.21 -6.93 -23.28
N LYS B 249 4.06 -6.93 -24.30
CA LYS B 249 4.47 -5.66 -24.90
C LYS B 249 3.28 -4.89 -25.48
N HIS B 250 2.27 -5.61 -25.97
CA HIS B 250 1.09 -4.95 -26.50
C HIS B 250 0.26 -4.32 -25.39
N MET B 251 0.31 -4.89 -24.19
CA MET B 251 -0.42 -4.31 -23.08
C MET B 251 0.19 -2.99 -22.68
N LEU B 252 1.52 -2.92 -22.66
CA LEU B 252 2.20 -1.67 -22.33
C LEU B 252 1.88 -0.59 -23.33
N ASP B 253 1.96 -0.91 -24.63
CA ASP B 253 1.67 0.10 -25.64
C ASP B 253 0.21 0.56 -25.53
N LYS B 254 -0.70 -0.36 -25.28
CA LYS B 254 -2.10 0.03 -25.14
C LYS B 254 -2.30 0.87 -23.88
N LEU B 255 -1.72 0.45 -22.75
CA LEU B 255 -1.83 1.24 -21.52
C LEU B 255 -1.36 2.67 -21.75
N ASP B 256 -0.23 2.82 -22.46
CA ASP B 256 0.29 4.18 -22.69
C ASP B 256 -0.76 5.03 -23.41
N GLU B 257 -1.45 4.45 -24.39
CA GLU B 257 -2.51 5.18 -25.11
C GLU B 257 -3.70 5.49 -24.20
N ILE B 258 -4.13 4.51 -23.42
CA ILE B 258 -5.27 4.71 -22.53
C ILE B 258 -5.01 5.89 -21.63
N LEU B 259 -3.85 5.86 -20.95
CA LEU B 259 -3.56 6.87 -19.95
C LEU B 259 -3.36 8.22 -20.59
N TYR B 260 -2.70 8.25 -21.75
CA TYR B 260 -2.55 9.51 -22.48
C TYR B 260 -3.90 10.21 -22.66
N TYR B 261 -4.90 9.49 -23.18
CA TYR B 261 -6.20 10.13 -23.39
C TYR B 261 -6.91 10.47 -22.09
N GLN B 262 -6.70 9.70 -21.02
CA GLN B 262 -7.30 10.05 -19.74
C GLN B 262 -6.68 11.33 -19.20
N ILE B 263 -5.36 11.44 -19.27
CA ILE B 263 -4.69 12.64 -18.78
C ILE B 263 -5.05 13.82 -19.66
N LYS B 264 -5.18 13.60 -20.96
CA LYS B 264 -5.53 14.70 -21.86
C LYS B 264 -6.92 15.25 -21.55
N THR B 265 -7.84 14.39 -21.13
CA THR B 265 -9.23 14.78 -20.94
C THR B 265 -9.48 15.37 -19.56
N LEU B 266 -8.66 15.04 -18.59
CA LEU B 266 -8.92 15.49 -17.22
C LEU B 266 -9.00 17.01 -17.14
N PRO B 267 -9.99 17.56 -16.46
CA PRO B 267 -9.97 19.00 -16.16
C PRO B 267 -8.69 19.39 -15.43
N GLU B 268 -8.03 20.42 -15.94
CA GLU B 268 -6.80 20.89 -15.32
C GLU B 268 -7.03 21.21 -13.84
N GLN B 269 -8.20 21.76 -13.52
CA GLN B 269 -8.52 22.20 -12.17
C GLN B 269 -8.95 21.08 -11.25
N TYR B 270 -9.00 19.83 -11.72
CA TYR B 270 -9.28 18.69 -10.86
C TYR B 270 -8.05 17.83 -10.66
N SER B 271 -6.93 18.20 -11.28
CA SER B 271 -5.74 17.37 -11.23
C SER B 271 -5.29 17.15 -9.80
N ASP B 272 -5.50 18.16 -8.94
CA ASP B 272 -5.06 18.08 -7.57
C ASP B 272 -5.74 16.94 -6.81
N ILE B 273 -7.00 16.64 -7.14
CA ILE B 273 -7.77 15.66 -6.39
C ILE B 273 -7.92 14.31 -7.09
N LEU B 274 -7.76 14.25 -8.42
CA LEU B 274 -7.97 13.00 -9.13
C LEU B 274 -6.67 12.26 -9.47
N LEU B 275 -5.51 12.83 -9.13
CA LEU B 275 -4.24 12.23 -9.48
C LEU B 275 -3.45 12.02 -8.21
N ASN B 276 -2.99 10.79 -7.98
CA ASN B 276 -2.25 10.44 -6.77
C ASN B 276 -0.76 10.63 -7.04
N GLU B 277 -0.18 11.65 -6.39
CA GLU B 277 1.23 11.99 -6.60
C GLU B 277 2.13 10.77 -6.46
N ARG B 278 1.89 9.93 -5.45
CA ARG B 278 2.78 8.80 -5.20
C ARG B 278 2.73 7.80 -6.35
N VAL B 279 1.52 7.45 -6.81
CA VAL B 279 1.43 6.41 -7.82
C VAL B 279 2.11 6.87 -9.11
N TRP B 280 1.88 8.11 -9.51
CA TRP B 280 2.36 8.57 -10.81
C TRP B 280 3.87 8.72 -10.83
N ASN B 281 4.46 9.28 -9.76
CA ASN B 281 5.91 9.39 -9.73
C ASN B 281 6.55 8.01 -9.67
N ILE B 282 5.98 7.09 -8.89
CA ILE B 282 6.48 5.73 -8.90
C ILE B 282 6.41 5.14 -10.30
N CYS B 283 5.25 5.26 -10.96
CA CYS B 283 5.06 4.60 -12.25
C CYS B 283 5.96 5.16 -13.35
N LEU B 284 6.10 6.49 -13.40
CA LEU B 284 6.86 7.11 -14.48
C LEU B 284 8.37 7.13 -14.22
N TYR B 285 8.80 7.06 -12.96
CA TYR B 285 10.19 7.34 -12.61
C TYR B 285 10.89 6.27 -11.80
N SER B 286 10.17 5.42 -11.05
CA SER B 286 10.80 4.33 -10.32
C SER B 286 10.48 2.93 -10.84
N SER B 287 9.30 2.71 -11.41
CA SER B 287 8.81 1.35 -11.62
C SER B 287 9.54 0.65 -12.76
N PHE B 288 9.29 -0.66 -12.86
CA PHE B 288 9.81 -1.45 -13.96
C PHE B 288 9.46 -0.84 -15.30
N GLN B 289 8.30 -0.20 -15.40
CA GLN B 289 7.83 0.32 -16.69
C GLN B 289 8.10 1.82 -16.84
N LYS B 290 9.03 2.36 -16.04
CA LYS B 290 9.33 3.79 -16.07
C LYS B 290 9.70 4.31 -17.45
N ASN B 291 10.16 3.46 -18.37
CA ASN B 291 10.59 3.87 -19.70
C ASN B 291 9.63 3.41 -20.78
N SER B 292 8.49 2.85 -20.39
CA SER B 292 7.59 2.20 -21.34
C SER B 292 6.34 3.00 -21.67
N LEU B 293 6.11 4.14 -21.00
CA LEU B 293 4.87 4.92 -21.18
C LEU B 293 5.25 6.29 -21.73
N HIS B 294 5.80 6.31 -22.94
CA HIS B 294 6.38 7.54 -23.48
C HIS B 294 5.35 8.62 -23.71
N ASN B 295 4.19 8.26 -24.26
CA ASN B 295 3.16 9.27 -24.52
C ASN B 295 2.62 9.83 -23.21
N THR B 296 2.38 8.94 -22.26
CA THR B 296 1.83 9.37 -20.99
C THR B 296 2.83 10.24 -20.24
N GLU B 297 4.10 9.85 -20.20
CA GLU B 297 5.09 10.66 -19.50
C GLU B 297 5.22 12.04 -20.15
N LYS B 298 5.15 12.11 -21.48
CA LYS B 298 5.29 13.42 -22.10
C LYS B 298 4.10 14.33 -21.79
N ILE B 299 2.87 13.82 -21.84
CA ILE B 299 1.74 14.69 -21.55
C ILE B 299 1.71 15.07 -20.07
N MET B 300 2.03 14.12 -19.18
CA MET B 300 2.05 14.43 -17.74
C MET B 300 3.07 15.53 -17.45
N GLU B 301 4.27 15.42 -18.02
CA GLU B 301 5.34 16.38 -17.74
C GLU B 301 5.03 17.75 -18.30
N ASN B 302 4.27 17.83 -19.38
CA ASN B 302 3.96 19.13 -19.96
C ASN B 302 2.70 19.74 -19.40
N LYS B 303 1.80 18.94 -18.83
CA LYS B 303 0.53 19.44 -18.34
C LYS B 303 0.49 19.56 -16.82
N TYR B 304 1.09 18.62 -16.10
CA TYR B 304 1.06 18.59 -14.64
C TYR B 304 2.45 18.43 -14.04
N PRO B 305 3.41 19.27 -14.44
CA PRO B 305 4.77 19.11 -13.94
C PRO B 305 4.90 19.41 -12.45
N GLU B 306 3.91 20.07 -11.88
CA GLU B 306 3.87 20.25 -10.42
C GLU B 306 3.83 18.90 -9.73
N LEU B 307 2.88 18.06 -10.14
CA LEU B 307 2.69 16.76 -9.48
C LEU B 307 3.96 15.94 -9.46
N LEU B 308 4.93 16.25 -10.32
CA LEU B 308 6.10 15.39 -10.47
C LEU B 308 7.37 16.12 -10.02
N1 W6W C . 18.97 -22.86 25.02
C7 W6W C . 13.59 -19.04 24.75
C8 W6W C . 14.54 -18.08 24.56
C9 W6W C . 15.47 -17.82 25.54
C1 W6W C . 16.50 -21.17 26.80
C5 W6W C . 14.45 -19.52 26.88
C6 W6W C . 13.55 -19.76 25.91
C4 W6W C . 14.41 -20.36 28.10
C3 W6W C . 18.05 -22.95 26.03
C2 W6W C . 17.91 -21.73 26.98
BR W6W C . 16.78 -18.07 27.97
C10 W6W C . 15.41 -18.53 26.67
N W6W C . 15.49 -21.49 27.92
C W6W C . 16.17 -21.65 29.24
O W6W C . 17.34 -23.97 26.17
N1 W6W D . -18.30 22.35 -29.08
C7 W6W D . -23.65 18.44 -25.92
C8 W6W D . -24.88 18.72 -26.47
C9 W6W D . -25.33 20.00 -26.57
C1 W6W D . -20.24 21.88 -26.31
C5 W6W D . -23.28 20.73 -25.56
C6 W6W D . -22.85 19.44 -25.48
C4 W6W D . -22.48 21.85 -25.05
C3 W6W D . -18.57 21.43 -28.10
C2 W6W D . -20.02 21.22 -27.68
BR W6W D . -25.19 22.78 -25.93
C10 W6W D . -24.51 20.97 -26.08
N W6W D . -21.66 22.45 -26.19
C W6W D . -22.42 22.32 -27.48
O W6W D . -17.68 20.79 -27.61
N1 W6W E . -47.16 7.34 -22.93
C7 W6W E . -41.39 7.32 -24.42
C8 W6W E . -40.68 8.16 -25.24
C9 W6W E . -40.30 9.41 -24.83
C1 W6W E . -44.85 9.12 -22.35
C5 W6W E . -41.46 9.04 -22.80
C6 W6W E . -41.77 7.76 -23.18
C4 W6W E . -42.40 9.63 -21.74
C3 W6W E . -47.34 8.66 -22.93
C2 W6W E . -46.11 9.62 -23.12
BR W6W E . -40.07 11.56 -23.11
C10 W6W E . -40.67 9.84 -23.61
N W6W E . -43.71 10.18 -22.26
C W6W E . -44.04 11.30 -21.36
O W6W E . -48.47 9.12 -22.80
#